data_4BXR
#
_entry.id   4BXR
#
_cell.length_a   60.250
_cell.length_b   67.470
_cell.length_c   61.650
_cell.angle_alpha   90.00
_cell.angle_beta   113.92
_cell.angle_gamma   90.00
#
_symmetry.space_group_name_H-M   'P 1 21 1'
#
loop_
_entity.id
_entity.type
_entity.pdbx_description
1 polymer CPAP
2 polymer 'SCL-INTERRUPTING LOCUS PROTEIN HOMOLOG'
3 water water
#
loop_
_entity_poly.entity_id
_entity_poly.type
_entity_poly.pdbx_seq_one_letter_code
_entity_poly.pdbx_strand_id
1 'polypeptide(L)'
;GPHMEEIMQSDSKIEKMLPDGGRLVVFPNGTRKELSADGQTVKVMFFNGDVKHTMPDQRVIYYYAEAQTTHITYPDGMEV
LQFPNNQTEKHFPDGRKEITFPDQTVKTLHPDGREESVLTDGTIIQLNPDGSKVIQFNTGQREIHTADFKRREYPDGTVK
TVYSDGRQETQYPTGRVRLKDPQGKVIMDTKA
;
A,B
2 'polypeptide(L)' GSGVEDEDLSPRPSPNPHPVSQENLYFQ C,D
#
# COMPACT_ATOMS: atom_id res chain seq x y z
N GLN A 9 18.43 -8.20 -21.02
CA GLN A 9 18.91 -7.02 -21.77
C GLN A 9 20.43 -7.11 -21.91
N SER A 10 21.16 -6.35 -21.10
CA SER A 10 22.59 -6.09 -21.35
C SER A 10 23.42 -7.37 -21.52
N ASP A 11 24.19 -7.40 -22.62
CA ASP A 11 25.18 -8.45 -22.88
C ASP A 11 26.62 -7.94 -22.76
N SER A 12 26.92 -6.75 -23.31
CA SER A 12 28.32 -6.26 -23.37
C SER A 12 28.87 -5.64 -22.09
N LYS A 13 28.86 -6.48 -21.08
CA LYS A 13 29.15 -6.08 -19.72
C LYS A 13 30.55 -6.61 -19.30
N ILE A 14 31.21 -5.85 -18.42
CA ILE A 14 32.56 -6.14 -17.98
C ILE A 14 32.53 -6.29 -16.47
N GLU A 15 33.14 -7.36 -15.97
CA GLU A 15 33.27 -7.62 -14.52
C GLU A 15 34.73 -7.62 -14.17
N LYS A 16 35.06 -7.09 -13.03
CA LYS A 16 36.41 -7.22 -12.53
C LYS A 16 36.33 -7.76 -11.13
N MET A 17 37.48 -8.17 -10.60
CA MET A 17 37.53 -8.89 -9.36
C MET A 17 38.31 -8.13 -8.32
N LEU A 18 37.67 -7.83 -7.20
CA LEU A 18 38.33 -7.12 -6.13
C LEU A 18 39.15 -8.12 -5.31
N PRO A 19 40.31 -7.69 -4.80
CA PRO A 19 41.15 -8.48 -3.91
C PRO A 19 40.43 -9.13 -2.73
N ASP A 20 39.42 -8.47 -2.21
CA ASP A 20 38.60 -9.05 -1.17
C ASP A 20 37.65 -10.17 -1.69
N GLY A 21 37.61 -10.40 -3.00
CA GLY A 21 36.60 -11.30 -3.63
C GLY A 21 35.28 -10.65 -4.08
N GLY A 22 35.13 -9.36 -3.81
CA GLY A 22 33.96 -8.66 -4.29
C GLY A 22 34.13 -8.45 -5.79
N ARG A 23 33.05 -8.05 -6.44
CA ARG A 23 33.05 -7.80 -7.88
C ARG A 23 32.76 -6.34 -8.17
N LEU A 24 33.32 -5.86 -9.25
CA LEU A 24 32.91 -4.59 -9.81
C LEU A 24 32.37 -4.97 -11.18
N VAL A 25 31.20 -4.46 -11.54
CA VAL A 25 30.62 -4.77 -12.85
C VAL A 25 30.37 -3.44 -13.54
N VAL A 26 30.81 -3.33 -14.79
CA VAL A 26 30.66 -2.07 -15.54
C VAL A 26 29.82 -2.42 -16.73
N PHE A 27 28.79 -1.57 -16.96
CA PHE A 27 27.80 -1.82 -17.96
C PHE A 27 28.00 -0.84 -19.04
N PRO A 28 27.61 -1.22 -20.25
CA PRO A 28 27.83 -0.38 -21.42
C PRO A 28 27.15 1.00 -21.30
N ASN A 29 25.98 1.04 -20.63
CA ASN A 29 25.26 2.31 -20.44
C ASN A 29 25.90 3.22 -19.43
N GLY A 30 26.98 2.74 -18.80
CA GLY A 30 27.79 3.51 -17.84
C GLY A 30 27.59 3.15 -16.38
N THR A 31 26.63 2.28 -16.09
CA THR A 31 26.31 1.96 -14.73
C THR A 31 27.42 1.10 -14.15
N ARG A 32 27.81 1.40 -12.91
CA ARG A 32 28.76 0.60 -12.16
C ARG A 32 28.11 0.07 -10.89
N LYS A 33 28.45 -1.17 -10.58
CA LYS A 33 27.86 -1.89 -9.50
C LYS A 33 28.98 -2.53 -8.74
N GLU A 34 28.96 -2.38 -7.44
CA GLU A 34 29.89 -3.07 -6.59
C GLU A 34 29.15 -4.05 -5.66
N LEU A 35 29.52 -5.33 -5.78
CA LEU A 35 28.99 -6.39 -4.94
C LEU A 35 30.06 -6.91 -4.01
N SER A 36 29.72 -7.00 -2.75
CA SER A 36 30.65 -7.53 -1.81
C SER A 36 30.97 -9.01 -2.16
N ALA A 37 32.01 -9.56 -1.51
CA ALA A 37 32.44 -10.98 -1.68
C ALA A 37 31.33 -11.99 -1.34
N ASP A 38 30.50 -11.68 -0.35
CA ASP A 38 29.34 -12.50 -0.05
C ASP A 38 28.11 -12.21 -0.95
N GLY A 39 28.26 -11.30 -1.94
CA GLY A 39 27.13 -10.79 -2.74
C GLY A 39 26.04 -9.98 -2.00
N GLN A 40 26.09 -9.93 -0.66
CA GLN A 40 24.98 -9.39 0.17
C GLN A 40 24.82 -7.85 0.15
N THR A 41 25.88 -7.13 -0.18
CA THR A 41 25.85 -5.67 -0.29
C THR A 41 26.02 -5.19 -1.74
N VAL A 42 25.21 -4.25 -2.14
CA VAL A 42 25.28 -3.80 -3.49
C VAL A 42 25.31 -2.27 -3.52
N LYS A 43 26.28 -1.74 -4.26
CA LYS A 43 26.40 -0.31 -4.47
C LYS A 43 26.25 -0.13 -5.94
N VAL A 44 25.33 0.74 -6.34
CA VAL A 44 25.14 1.03 -7.75
C VAL A 44 25.39 2.53 -7.98
N MET A 45 26.31 2.81 -8.90
CA MET A 45 26.68 4.21 -9.23
C MET A 45 26.25 4.44 -10.67
N PHE A 46 25.13 5.14 -10.85
CA PHE A 46 24.55 5.28 -12.19
C PHE A 46 25.33 6.33 -12.97
N PHE A 47 25.20 6.27 -14.27
CA PHE A 47 25.90 7.15 -15.17
C PHE A 47 25.51 8.61 -14.92
N ASN A 48 24.29 8.85 -14.44
CA ASN A 48 23.82 10.19 -14.22
C ASN A 48 24.28 10.77 -12.90
N GLY A 49 25.11 10.06 -12.14
CA GLY A 49 25.48 10.56 -10.83
C GLY A 49 24.66 9.98 -9.67
N ASP A 50 23.55 9.31 -9.95
CA ASP A 50 22.77 8.77 -8.82
C ASP A 50 23.53 7.65 -8.12
N VAL A 51 23.19 7.40 -6.85
CA VAL A 51 23.83 6.34 -6.10
C VAL A 51 22.80 5.52 -5.31
N LYS A 52 22.85 4.20 -5.45
CA LYS A 52 22.01 3.32 -4.64
C LYS A 52 22.81 2.34 -3.78
N HIS A 53 22.74 2.48 -2.46
CA HIS A 53 23.34 1.55 -1.54
C HIS A 53 22.29 0.78 -0.81
N THR A 54 22.37 -0.56 -0.90
N THR A 54 22.37 -0.56 -0.90
CA THR A 54 21.60 -1.45 -0.04
CA THR A 54 21.63 -1.46 -0.03
C THR A 54 22.43 -1.66 1.24
C THR A 54 22.44 -1.63 1.25
N MET A 55 21.78 -1.84 2.38
CA MET A 55 22.48 -1.83 3.68
C MET A 55 22.52 -3.16 4.42
N PRO A 56 23.43 -3.26 5.42
CA PRO A 56 23.42 -4.36 6.39
C PRO A 56 22.08 -4.47 7.14
N ASP A 57 21.63 -3.37 7.74
CA ASP A 57 20.32 -3.32 8.43
C ASP A 57 19.09 -3.35 7.50
N GLN A 58 19.33 -3.41 6.19
CA GLN A 58 18.33 -3.67 5.13
C GLN A 58 17.66 -2.39 4.50
N ARG A 59 17.96 -1.22 5.04
CA ARG A 59 17.60 0.02 4.34
C ARG A 59 18.19 0.06 2.93
N VAL A 60 17.40 0.52 1.97
CA VAL A 60 17.91 0.89 0.65
C VAL A 60 18.00 2.41 0.55
N ILE A 61 19.20 2.94 0.31
CA ILE A 61 19.41 4.38 0.31
C ILE A 61 19.75 4.84 -1.11
N TYR A 62 18.90 5.70 -1.68
CA TYR A 62 19.10 6.22 -3.06
C TYR A 62 19.35 7.71 -3.05
N TYR A 63 20.39 8.17 -3.77
CA TYR A 63 20.72 9.61 -3.85
C TYR A 63 20.48 10.08 -5.26
N TYR A 64 19.63 11.12 -5.42
CA TYR A 64 19.37 11.72 -6.74
C TYR A 64 20.34 12.84 -6.91
N ALA A 65 21.33 12.66 -7.78
CA ALA A 65 22.31 13.76 -7.97
C ALA A 65 21.67 15.10 -8.42
N GLU A 66 20.83 15.12 -9.46
CA GLU A 66 20.39 16.45 -9.89
C GLU A 66 19.46 17.13 -8.89
N ALA A 67 18.46 16.40 -8.43
CA ALA A 67 17.52 16.97 -7.46
C ALA A 67 18.15 17.09 -6.09
N GLN A 68 19.33 16.55 -5.89
CA GLN A 68 19.97 16.57 -4.57
C GLN A 68 19.12 15.98 -3.40
N THR A 69 18.51 14.85 -3.66
CA THR A 69 17.57 14.30 -2.69
C THR A 69 17.94 12.92 -2.32
N THR A 70 17.76 12.55 -1.06
CA THR A 70 17.95 11.15 -0.64
C THR A 70 16.60 10.49 -0.35
N HIS A 71 16.55 9.20 -0.60
CA HIS A 71 15.31 8.46 -0.60
C HIS A 71 15.62 7.08 0.05
N ILE A 72 15.07 6.86 1.24
CA ILE A 72 15.28 5.65 2.01
C ILE A 72 14.06 4.83 1.92
N THR A 73 14.27 3.57 1.60
CA THR A 73 13.19 2.62 1.63
C THR A 73 13.45 1.64 2.77
N TYR A 74 12.46 1.43 3.60
CA TYR A 74 12.70 0.64 4.81
C TYR A 74 12.01 -0.68 4.59
N PRO A 75 12.32 -1.70 5.43
CA PRO A 75 11.80 -3.08 5.27
C PRO A 75 10.24 -3.22 5.38
N ASP A 76 9.60 -2.33 6.14
CA ASP A 76 8.13 -2.35 6.26
C ASP A 76 7.43 -1.67 5.10
N GLY A 77 8.16 -1.18 4.10
CA GLY A 77 7.53 -0.52 2.93
C GLY A 77 7.57 1.02 2.94
N MET A 78 7.84 1.60 4.10
CA MET A 78 7.92 3.04 4.23
C MET A 78 9.00 3.56 3.29
N GLU A 79 8.72 4.67 2.61
CA GLU A 79 9.77 5.44 1.91
C GLU A 79 9.83 6.82 2.43
N VAL A 80 11.04 7.31 2.57
CA VAL A 80 11.26 8.52 3.24
C VAL A 80 12.18 9.31 2.33
N LEU A 81 11.74 10.49 1.90
CA LEU A 81 12.53 11.35 1.01
C LEU A 81 12.98 12.64 1.68
N GLN A 82 14.27 12.97 1.59
CA GLN A 82 14.79 14.19 2.24
C GLN A 82 15.31 15.17 1.19
N PHE A 83 14.63 16.32 1.11
CA PHE A 83 14.80 17.25 0.01
C PHE A 83 15.75 18.34 0.41
N PRO A 84 16.39 19.02 -0.58
CA PRO A 84 17.43 20.03 -0.27
C PRO A 84 16.96 21.15 0.67
N ASN A 85 15.69 21.56 0.55
CA ASN A 85 15.16 22.64 1.37
C ASN A 85 14.89 22.19 2.80
N ASN A 86 15.42 21.03 3.16
CA ASN A 86 15.22 20.47 4.49
C ASN A 86 13.81 19.91 4.77
N GLN A 87 12.99 19.82 3.73
CA GLN A 87 11.67 19.20 3.78
C GLN A 87 11.81 17.68 3.71
N THR A 88 10.95 16.96 4.43
CA THR A 88 10.94 15.48 4.40
C THR A 88 9.56 14.93 4.17
N GLU A 89 9.49 13.89 3.34
CA GLU A 89 8.26 13.23 3.08
C GLU A 89 8.38 11.73 3.40
N LYS A 90 7.39 11.21 4.15
CA LYS A 90 7.18 9.77 4.37
C LYS A 90 6.03 9.26 3.56
N HIS A 91 6.28 8.29 2.68
CA HIS A 91 5.23 7.69 1.87
C HIS A 91 4.95 6.27 2.43
N PHE A 92 3.69 5.96 2.71
CA PHE A 92 3.28 4.67 3.36
C PHE A 92 2.65 3.84 2.27
N PRO A 93 2.56 2.52 2.48
CA PRO A 93 2.03 1.64 1.47
C PRO A 93 0.55 1.75 1.19
N ASP A 94 -0.24 2.32 2.09
CA ASP A 94 -1.65 2.53 1.77
C ASP A 94 -1.86 3.87 1.02
N GLY A 95 -0.81 4.62 0.74
CA GLY A 95 -0.90 5.85 -0.09
C GLY A 95 -0.88 7.12 0.75
N ARG A 96 -0.84 6.97 2.07
CA ARG A 96 -0.77 8.07 2.97
C ARG A 96 0.60 8.72 2.76
N LYS A 97 0.64 10.01 2.94
CA LYS A 97 1.91 10.73 2.89
C LYS A 97 1.96 11.68 4.04
N GLU A 98 3.12 11.78 4.65
CA GLU A 98 3.32 12.71 5.70
C GLU A 98 4.51 13.63 5.34
N ILE A 99 4.20 14.91 5.16
CA ILE A 99 5.17 15.91 4.75
C ILE A 99 5.55 16.74 5.93
N THR A 100 6.84 16.82 6.22
CA THR A 100 7.35 17.74 7.20
C THR A 100 8.01 18.88 6.45
N PHE A 101 7.42 20.07 6.56
CA PHE A 101 7.95 21.23 5.86
C PHE A 101 9.13 21.79 6.64
N PRO A 102 9.91 22.69 6.01
CA PRO A 102 11.06 23.32 6.69
C PRO A 102 10.70 23.85 8.10
N ASP A 103 9.66 24.67 8.19
CA ASP A 103 9.16 25.22 9.46
C ASP A 103 8.49 24.19 10.42
N GLN A 104 8.68 22.91 10.17
CA GLN A 104 8.28 21.80 11.08
C GLN A 104 6.79 21.56 11.33
N THR A 105 5.96 22.22 10.54
CA THR A 105 4.59 21.78 10.33
C THR A 105 4.63 20.37 9.77
N VAL A 106 3.65 19.56 10.16
CA VAL A 106 3.45 18.27 9.57
C VAL A 106 2.10 18.23 8.90
N LYS A 107 2.06 17.83 7.65
CA LYS A 107 0.82 17.65 7.01
C LYS A 107 0.74 16.24 6.51
N THR A 108 -0.40 15.58 6.82
CA THR A 108 -0.69 14.30 6.24
C THR A 108 -1.74 14.36 5.17
N LEU A 109 -1.47 13.74 4.04
CA LEU A 109 -2.43 13.52 3.02
C LEU A 109 -2.92 12.09 3.09
N HIS A 110 -4.20 11.88 3.34
CA HIS A 110 -4.74 10.54 3.44
C HIS A 110 -5.17 10.13 2.05
N PRO A 111 -5.38 8.80 1.86
CA PRO A 111 -5.94 8.25 0.61
C PRO A 111 -7.24 8.93 0.13
N ASP A 112 -8.25 9.04 1.00
CA ASP A 112 -9.58 9.62 0.64
C ASP A 112 -9.58 11.06 0.13
N GLY A 113 -8.54 11.82 0.46
CA GLY A 113 -8.41 13.21 0.01
C GLY A 113 -8.36 14.20 1.15
N ARG A 114 -8.54 13.70 2.38
CA ARG A 114 -8.32 14.51 3.57
C ARG A 114 -6.90 14.92 3.70
N GLU A 115 -6.70 16.10 4.24
CA GLU A 115 -5.39 16.56 4.60
C GLU A 115 -5.50 17.01 6.02
N GLU A 116 -4.45 16.80 6.75
CA GLU A 116 -4.49 17.08 8.12
C GLU A 116 -3.15 17.63 8.51
N SER A 117 -3.12 18.92 8.85
CA SER A 117 -1.91 19.55 9.35
C SER A 117 -1.89 19.77 10.85
N VAL A 118 -0.72 19.60 11.46
CA VAL A 118 -0.50 19.93 12.85
C VAL A 118 0.54 21.02 12.95
N LEU A 119 0.18 22.07 13.65
CA LEU A 119 1.00 23.24 13.66
C LEU A 119 1.95 23.13 14.82
N THR A 120 2.92 24.03 14.80
CA THR A 120 4.00 24.09 15.77
C THR A 120 3.42 24.23 17.18
N ASP A 121 2.23 24.83 17.29
CA ASP A 121 1.52 24.96 18.56
C ASP A 121 0.52 23.81 18.88
N GLY A 122 0.40 22.80 18.02
CA GLY A 122 -0.49 21.67 18.29
C GLY A 122 -1.93 21.85 17.77
N THR A 123 -2.22 23.03 17.22
CA THR A 123 -3.46 23.29 16.53
C THR A 123 -3.58 22.35 15.36
N ILE A 124 -4.75 21.77 15.17
CA ILE A 124 -4.94 20.79 14.11
C ILE A 124 -5.93 21.29 13.08
N ILE A 125 -5.54 21.26 11.80
CA ILE A 125 -6.41 21.66 10.73
C ILE A 125 -6.69 20.51 9.78
N GLN A 126 -7.99 20.27 9.52
CA GLN A 126 -8.40 19.12 8.73
C GLN A 126 -9.21 19.58 7.52
N LEU A 127 -8.70 19.25 6.33
CA LEU A 127 -9.23 19.74 5.08
C LEU A 127 -9.90 18.58 4.35
N ASN A 128 -11.23 18.55 4.33
CA ASN A 128 -11.96 17.43 3.74
C ASN A 128 -11.97 17.61 2.26
N PRO A 129 -12.27 16.53 1.53
CA PRO A 129 -12.20 16.64 0.07
C PRO A 129 -13.37 17.46 -0.56
N ASP A 130 -14.45 17.69 0.20
CA ASP A 130 -15.52 18.61 -0.21
C ASP A 130 -15.14 20.10 -0.07
N GLY A 131 -13.97 20.39 0.49
CA GLY A 131 -13.50 21.77 0.66
C GLY A 131 -13.68 22.33 2.06
N SER A 132 -14.50 21.68 2.89
CA SER A 132 -14.72 22.13 4.27
C SER A 132 -13.54 21.85 5.20
N LYS A 133 -13.36 22.71 6.21
CA LYS A 133 -12.27 22.63 7.14
C LYS A 133 -12.77 22.48 8.56
N VAL A 134 -11.95 21.85 9.38
CA VAL A 134 -12.16 21.78 10.83
C VAL A 134 -10.86 22.17 11.47
N ILE A 135 -10.90 23.16 12.32
CA ILE A 135 -9.77 23.53 13.08
C ILE A 135 -10.09 23.12 14.49
N GLN A 136 -9.11 22.58 15.18
CA GLN A 136 -9.24 22.18 16.58
C GLN A 136 -8.10 22.80 17.37
N PHE A 137 -8.41 23.56 18.43
CA PHE A 137 -7.38 24.28 19.15
C PHE A 137 -7.09 23.61 20.45
N ASN A 138 -5.99 24.01 21.06
CA ASN A 138 -5.55 23.51 22.37
C ASN A 138 -6.58 23.77 23.43
N THR A 139 -7.12 24.98 23.38
CA THR A 139 -8.16 25.45 24.26
C THR A 139 -9.44 24.60 24.24
N GLY A 140 -9.57 23.64 23.35
CA GLY A 140 -10.84 22.90 23.22
C GLY A 140 -11.77 23.48 22.16
N GLN A 141 -11.47 24.67 21.66
CA GLN A 141 -12.29 25.27 20.61
C GLN A 141 -12.08 24.64 19.28
N ARG A 142 -13.18 24.52 18.55
CA ARG A 142 -13.21 23.99 17.18
C ARG A 142 -13.80 25.03 16.28
N GLU A 143 -13.30 25.13 15.07
CA GLU A 143 -14.00 25.93 14.08
C GLU A 143 -14.30 25.06 12.93
N ILE A 144 -15.48 25.26 12.36
CA ILE A 144 -15.87 24.57 11.16
C ILE A 144 -16.18 25.57 10.02
N HIS A 145 -15.52 25.40 8.89
CA HIS A 145 -15.63 26.33 7.76
C HIS A 145 -16.20 25.58 6.62
N THR A 146 -17.30 26.03 6.12
CA THR A 146 -17.83 25.54 4.88
C THR A 146 -18.01 26.76 4.01
N ALA A 147 -18.59 26.57 2.86
CA ALA A 147 -18.58 27.66 1.88
C ALA A 147 -19.66 28.70 2.24
N ASP A 148 -20.52 28.35 3.20
CA ASP A 148 -21.69 29.16 3.57
C ASP A 148 -21.56 29.90 4.90
N PHE A 149 -20.64 29.46 5.73
CA PHE A 149 -20.49 30.01 7.07
C PHE A 149 -19.26 29.52 7.70
N LYS A 150 -18.85 30.18 8.76
CA LYS A 150 -17.83 29.78 9.62
C LYS A 150 -18.42 29.64 11.03
N ARG A 151 -18.23 28.47 11.63
CA ARG A 151 -18.78 28.12 12.94
C ARG A 151 -17.71 27.91 14.01
N ARG A 152 -17.77 28.65 15.12
CA ARG A 152 -16.92 28.42 16.29
C ARG A 152 -17.68 27.68 17.43
N GLU A 153 -17.15 26.57 17.90
CA GLU A 153 -17.71 25.81 19.05
C GLU A 153 -16.85 26.07 20.25
N TYR A 154 -17.44 26.57 21.34
CA TYR A 154 -16.64 26.86 22.50
C TYR A 154 -16.77 25.74 23.53
N PRO A 155 -15.81 25.68 24.48
CA PRO A 155 -15.78 24.65 25.49
C PRO A 155 -17.02 24.68 26.37
N ASP A 156 -17.51 25.87 26.73
CA ASP A 156 -18.79 26.00 27.51
C ASP A 156 -20.06 25.57 26.79
N GLY A 157 -19.94 25.21 25.54
CA GLY A 157 -21.08 24.74 24.74
C GLY A 157 -21.66 25.87 23.84
N THR A 158 -21.19 27.11 24.00
CA THR A 158 -21.58 28.19 23.06
C THR A 158 -21.14 27.88 21.64
N VAL A 159 -22.04 28.12 20.70
CA VAL A 159 -21.74 27.98 19.26
C VAL A 159 -22.12 29.27 18.51
N LYS A 160 -21.12 29.97 17.96
CA LYS A 160 -21.34 31.15 17.11
C LYS A 160 -21.08 30.80 15.65
N THR A 161 -22.01 31.18 14.78
CA THR A 161 -21.90 30.93 13.34
C THR A 161 -22.06 32.24 12.59
N VAL A 162 -21.09 32.60 11.76
CA VAL A 162 -21.22 33.73 10.82
C VAL A 162 -21.44 33.24 9.40
N TYR A 163 -22.57 33.58 8.84
CA TYR A 163 -22.85 33.15 7.50
C TYR A 163 -22.18 34.11 6.51
N SER A 164 -22.14 33.66 5.27
CA SER A 164 -21.46 34.34 4.21
C SER A 164 -22.15 35.69 3.93
N ASP A 165 -23.43 35.84 4.26
CA ASP A 165 -24.11 37.12 4.12
C ASP A 165 -23.92 38.00 5.33
N GLY A 166 -23.14 37.58 6.30
CA GLY A 166 -22.89 38.46 7.47
C GLY A 166 -23.87 38.30 8.68
N ARG A 167 -24.92 37.56 8.49
CA ARG A 167 -25.77 37.21 9.65
C ARG A 167 -24.98 36.35 10.60
N GLN A 168 -25.16 36.61 11.90
CA GLN A 168 -24.53 35.85 12.97
C GLN A 168 -25.54 35.21 13.93
N GLU A 169 -25.38 33.93 14.12
CA GLU A 169 -26.16 33.19 15.09
C GLU A 169 -25.35 32.81 16.29
N THR A 170 -25.84 33.14 17.48
CA THR A 170 -25.26 32.59 18.69
C THR A 170 -26.22 31.55 19.21
N GLN A 171 -25.70 30.37 19.60
CA GLN A 171 -26.48 29.38 20.37
C GLN A 171 -25.86 29.20 21.74
N TYR A 172 -26.63 29.52 22.76
CA TYR A 172 -26.14 29.57 24.11
C TYR A 172 -26.16 28.14 24.65
N PRO A 173 -25.33 27.86 25.69
CA PRO A 173 -25.28 26.50 26.25
C PRO A 173 -26.65 25.96 26.72
N THR A 174 -27.52 26.86 27.18
CA THR A 174 -28.91 26.56 27.54
C THR A 174 -29.83 26.08 26.39
N GLY A 175 -29.53 26.43 25.14
CA GLY A 175 -30.39 26.13 23.95
C GLY A 175 -30.99 27.38 23.28
N ARG A 176 -30.92 28.50 23.95
CA ARG A 176 -31.42 29.74 23.41
C ARG A 176 -30.61 30.13 22.16
N VAL A 177 -31.31 30.59 21.14
CA VAL A 177 -30.68 30.95 19.90
C VAL A 177 -30.99 32.39 19.49
N ARG A 178 -29.95 33.22 19.39
CA ARG A 178 -30.09 34.59 18.92
C ARG A 178 -29.49 34.76 17.54
N LEU A 179 -30.27 35.31 16.62
CA LEU A 179 -29.80 35.61 15.28
C LEU A 179 -29.79 37.13 15.07
N LYS A 180 -28.68 37.65 14.53
CA LYS A 180 -28.49 39.07 14.23
C LYS A 180 -28.25 39.34 12.75
N ASP A 181 -28.76 40.47 12.26
CA ASP A 181 -28.47 40.90 10.89
C ASP A 181 -27.01 41.40 10.79
N PRO A 182 -26.52 41.63 9.56
CA PRO A 182 -25.14 42.14 9.40
C PRO A 182 -24.82 43.34 10.27
N GLN A 183 -25.83 44.20 10.46
CA GLN A 183 -25.66 45.47 11.16
C GLN A 183 -25.49 45.25 12.66
N GLY A 184 -25.80 44.04 13.15
CA GLY A 184 -25.74 43.72 14.58
C GLY A 184 -27.09 43.64 15.29
N LYS A 185 -28.17 43.87 14.55
CA LYS A 185 -29.49 43.90 15.14
C LYS A 185 -30.06 42.50 15.28
N VAL A 186 -30.54 42.20 16.47
CA VAL A 186 -31.26 40.96 16.70
C VAL A 186 -32.48 40.94 15.81
N ILE A 187 -32.64 39.86 15.06
CA ILE A 187 -33.80 39.67 14.23
C ILE A 187 -34.56 38.41 14.63
N MET A 188 -34.00 37.61 15.52
CA MET A 188 -34.71 36.45 16.02
C MET A 188 -34.08 36.02 17.36
N ASP A 189 -34.93 35.70 18.34
CA ASP A 189 -34.45 35.24 19.65
C ASP A 189 -35.39 34.24 20.27
N THR A 190 -34.91 33.03 20.51
CA THR A 190 -35.76 31.92 20.95
C THR A 190 -36.26 31.89 22.41
N LYS A 191 -36.46 33.06 23.02
CA LYS A 191 -37.22 33.16 24.28
C LYS A 191 -38.70 33.57 24.11
N SER B 12 -6.27 -11.99 39.82
CA SER B 12 -4.96 -11.25 39.85
C SER B 12 -4.68 -10.47 38.56
N LYS B 13 -5.17 -9.23 38.46
CA LYS B 13 -4.78 -8.29 37.38
C LYS B 13 -4.15 -6.98 37.91
N ILE B 14 -2.99 -6.63 37.37
CA ILE B 14 -2.19 -5.52 37.88
C ILE B 14 -2.37 -4.36 36.91
N GLU B 15 -2.51 -3.17 37.46
CA GLU B 15 -2.50 -1.96 36.66
C GLU B 15 -1.37 -1.14 37.29
N LYS B 16 -0.35 -0.80 36.51
CA LYS B 16 0.82 -0.12 37.05
C LYS B 16 1.03 1.20 36.29
N MET B 17 1.82 2.10 36.89
CA MET B 17 2.18 3.37 36.28
C MET B 17 3.66 3.38 35.99
N LEU B 18 4.00 3.58 34.72
CA LEU B 18 5.39 3.66 34.32
C LEU B 18 5.94 5.05 34.65
N PRO B 19 7.23 5.11 35.04
CA PRO B 19 7.96 6.37 35.24
C PRO B 19 7.80 7.43 34.12
N ASP B 20 7.69 6.99 32.87
CA ASP B 20 7.46 7.90 31.75
C ASP B 20 6.02 8.41 31.70
N GLY B 21 5.16 7.97 32.61
CA GLY B 21 3.74 8.36 32.58
C GLY B 21 2.86 7.49 31.69
N GLY B 22 3.42 6.37 31.19
CA GLY B 22 2.62 5.31 30.54
C GLY B 22 2.02 4.32 31.54
N ARG B 23 1.10 3.47 31.07
CA ARG B 23 0.50 2.41 31.89
C ARG B 23 0.98 1.05 31.44
N LEU B 24 1.16 0.15 32.40
CA LEU B 24 1.46 -1.22 32.08
C LEU B 24 0.33 -2.02 32.74
N VAL B 25 -0.30 -2.90 31.98
CA VAL B 25 -1.41 -3.70 32.49
C VAL B 25 -0.99 -5.17 32.26
N VAL B 26 -1.07 -5.97 33.32
CA VAL B 26 -0.69 -7.37 33.23
C VAL B 26 -1.96 -8.16 33.50
N PHE B 27 -2.23 -9.17 32.68
CA PHE B 27 -3.46 -9.90 32.75
C PHE B 27 -3.13 -11.25 33.32
N PRO B 28 -4.13 -11.91 33.92
CA PRO B 28 -3.91 -13.22 34.52
C PRO B 28 -3.42 -14.29 33.52
N ASN B 29 -3.86 -14.25 32.26
CA ASN B 29 -3.34 -15.21 31.27
C ASN B 29 -1.89 -14.97 30.85
N GLY B 30 -1.32 -13.88 31.35
CA GLY B 30 0.08 -13.49 31.04
C GLY B 30 0.22 -12.39 29.97
N THR B 31 -0.88 -11.95 29.38
CA THR B 31 -0.79 -10.88 28.36
C THR B 31 -0.38 -9.57 29.05
N ARG B 32 0.46 -8.78 28.38
CA ARG B 32 0.85 -7.43 28.81
C ARG B 32 0.53 -6.37 27.77
N LYS B 33 0.07 -5.23 28.26
CA LYS B 33 -0.35 -4.12 27.43
C LYS B 33 0.37 -2.91 27.94
N GLU B 34 0.99 -2.19 27.03
CA GLU B 34 1.65 -0.96 27.37
C GLU B 34 0.98 0.20 26.59
N LEU B 35 0.41 1.14 27.33
CA LEU B 35 -0.15 2.37 26.75
C LEU B 35 0.77 3.56 27.02
N SER B 36 1.03 4.37 26.00
CA SER B 36 1.92 5.54 26.11
C SER B 36 1.25 6.70 26.88
N ALA B 37 2.07 7.67 27.26
CA ALA B 37 1.62 8.83 28.03
C ALA B 37 0.48 9.55 27.32
N ASP B 38 0.56 9.67 25.99
CA ASP B 38 -0.55 10.26 25.20
C ASP B 38 -1.69 9.27 24.86
N GLY B 39 -1.63 8.04 25.37
CA GLY B 39 -2.55 6.95 24.97
C GLY B 39 -2.47 6.44 23.52
N GLN B 40 -1.72 7.13 22.65
CA GLN B 40 -1.71 6.92 21.17
C GLN B 40 -0.87 5.78 20.60
N THR B 41 -0.01 5.19 21.44
CA THR B 41 0.79 4.03 21.08
C THR B 41 0.52 2.87 22.08
N VAL B 42 -0.14 1.81 21.60
CA VAL B 42 -0.57 0.67 22.43
C VAL B 42 0.25 -0.51 21.97
N LYS B 43 0.89 -1.17 22.91
CA LYS B 43 1.67 -2.32 22.63
C LYS B 43 1.02 -3.44 23.40
N VAL B 44 0.70 -4.53 22.73
CA VAL B 44 0.19 -5.70 23.41
C VAL B 44 1.16 -6.86 23.18
N MET B 45 1.62 -7.46 24.26
CA MET B 45 2.50 -8.61 24.17
C MET B 45 1.67 -9.83 24.68
N PHE B 46 1.17 -10.67 23.79
CA PHE B 46 0.24 -11.72 24.18
C PHE B 46 1.01 -12.86 24.85
N PHE B 47 0.29 -13.67 25.61
CA PHE B 47 0.93 -14.80 26.36
C PHE B 47 1.57 -15.80 25.43
N ASN B 48 1.08 -15.89 24.19
CA ASN B 48 1.58 -16.84 23.21
C ASN B 48 2.85 -16.37 22.48
N GLY B 49 3.39 -15.22 22.85
CA GLY B 49 4.47 -14.62 22.07
C GLY B 49 4.08 -13.61 20.98
N ASP B 50 2.81 -13.53 20.64
CA ASP B 50 2.45 -12.58 19.60
C ASP B 50 2.67 -11.13 20.09
N VAL B 51 2.77 -10.18 19.17
CA VAL B 51 2.98 -8.79 19.52
C VAL B 51 2.13 -7.91 18.65
N LYS B 52 1.36 -7.01 19.25
CA LYS B 52 0.53 -6.06 18.48
C LYS B 52 0.82 -4.59 18.81
N HIS B 53 1.35 -3.84 17.87
CA HIS B 53 1.58 -2.39 18.06
C HIS B 53 0.64 -1.65 17.23
N THR B 54 -0.14 -0.77 17.87
CA THR B 54 -0.96 0.20 17.19
C THR B 54 -0.21 1.56 17.17
N MET B 55 -0.08 2.23 16.03
CA MET B 55 0.81 3.40 15.93
C MET B 55 0.01 4.70 15.92
N PRO B 56 0.68 5.85 16.20
CA PRO B 56 0.07 7.17 15.95
C PRO B 56 -0.42 7.32 14.50
N ASP B 57 0.42 6.99 13.51
CA ASP B 57 0.02 7.04 12.08
C ASP B 57 -1.03 5.99 11.74
N GLN B 58 -1.54 5.35 12.79
CA GLN B 58 -2.75 4.51 12.80
C GLN B 58 -2.60 3.06 12.25
N ARG B 59 -1.40 2.72 11.83
CA ARG B 59 -1.09 1.38 11.42
C ARG B 59 -1.20 0.45 12.64
N VAL B 60 -1.76 -0.73 12.41
CA VAL B 60 -1.71 -1.80 13.38
C VAL B 60 -0.78 -2.88 12.90
N ILE B 61 0.27 -3.13 13.66
CA ILE B 61 1.29 -4.06 13.26
C ILE B 61 1.23 -5.28 14.21
N TYR B 62 0.94 -6.46 13.67
CA TYR B 62 0.83 -7.74 14.46
C TYR B 62 1.88 -8.75 14.06
N TYR B 63 2.60 -9.31 15.03
CA TYR B 63 3.59 -10.30 14.76
C TYR B 63 3.08 -11.65 15.31
N TYR B 64 3.01 -12.67 14.45
CA TYR B 64 2.60 -14.02 14.88
C TYR B 64 3.84 -14.76 15.23
N ALA B 65 4.08 -14.99 16.53
CA ALA B 65 5.29 -15.74 16.93
C ALA B 65 5.39 -17.14 16.27
N GLU B 66 4.35 -17.96 16.30
CA GLU B 66 4.56 -19.32 15.77
C GLU B 66 4.79 -19.29 14.28
N ALA B 67 3.88 -18.67 13.56
CA ALA B 67 3.99 -18.65 12.11
C ALA B 67 5.11 -17.75 11.64
N GLN B 68 5.73 -17.00 12.54
CA GLN B 68 6.79 -16.04 12.15
C GLN B 68 6.42 -14.99 11.06
N THR B 69 5.26 -14.39 11.21
CA THR B 69 4.66 -13.58 10.17
C THR B 69 4.23 -12.25 10.69
N THR B 70 4.39 -11.17 9.89
CA THR B 70 3.90 -9.86 10.30
C THR B 70 2.73 -9.48 9.41
N HIS B 71 1.83 -8.73 9.98
CA HIS B 71 0.58 -8.44 9.40
C HIS B 71 0.25 -6.99 9.74
N ILE B 72 0.18 -6.14 8.72
CA ILE B 72 -0.10 -4.72 8.90
C ILE B 72 -1.48 -4.48 8.42
N THR B 73 -2.23 -3.77 9.22
CA THR B 73 -3.50 -3.28 8.79
C THR B 73 -3.50 -1.76 8.69
N TYR B 74 -4.06 -1.24 7.64
CA TYR B 74 -4.07 0.21 7.51
C TYR B 74 -5.50 0.63 7.79
N PRO B 75 -5.74 1.93 8.09
CA PRO B 75 -7.07 2.48 8.44
C PRO B 75 -8.14 2.34 7.35
N ASP B 76 -7.73 2.32 6.08
CA ASP B 76 -8.65 2.14 4.97
C ASP B 76 -9.10 0.68 4.79
N GLY B 77 -8.58 -0.27 5.58
CA GLY B 77 -8.94 -1.69 5.42
C GLY B 77 -7.89 -2.59 4.77
N MET B 78 -6.96 -2.01 4.03
CA MET B 78 -5.86 -2.79 3.44
C MET B 78 -5.02 -3.52 4.49
N GLU B 79 -4.71 -4.78 4.22
CA GLU B 79 -3.87 -5.58 5.08
C GLU B 79 -2.79 -6.21 4.29
N VAL B 80 -1.63 -6.26 4.87
CA VAL B 80 -0.49 -6.74 4.17
C VAL B 80 0.24 -7.67 5.07
N LEU B 81 0.45 -8.92 4.62
CA LEU B 81 1.06 -9.97 5.44
C LEU B 81 2.38 -10.44 4.87
N GLN B 82 3.41 -10.54 5.68
CA GLN B 82 4.73 -10.94 5.21
C GLN B 82 5.20 -12.23 5.88
N PHE B 83 5.33 -13.26 5.06
CA PHE B 83 5.52 -14.61 5.55
C PHE B 83 6.99 -14.93 5.54
N PRO B 84 7.42 -15.93 6.34
CA PRO B 84 8.87 -16.25 6.46
C PRO B 84 9.57 -16.55 5.12
N ASN B 85 8.87 -17.23 4.22
CA ASN B 85 9.48 -17.66 2.96
C ASN B 85 9.58 -16.52 1.95
N ASN B 86 9.46 -15.28 2.42
CA ASN B 86 9.50 -14.08 1.59
C ASN B 86 8.28 -13.82 0.73
N GLN B 87 7.22 -14.58 0.97
CA GLN B 87 5.95 -14.38 0.32
C GLN B 87 5.19 -13.28 1.02
N THR B 88 4.44 -12.49 0.25
CA THR B 88 3.66 -11.40 0.79
C THR B 88 2.28 -11.39 0.17
N GLU B 89 1.31 -11.10 1.00
CA GLU B 89 -0.03 -10.98 0.56
C GLU B 89 -0.63 -9.64 0.93
N LYS B 90 -1.31 -9.01 -0.03
CA LYS B 90 -2.15 -7.84 0.21
C LYS B 90 -3.62 -8.16 0.12
N HIS B 91 -4.36 -7.84 1.18
CA HIS B 91 -5.80 -8.05 1.20
C HIS B 91 -6.45 -6.72 1.17
N PHE B 92 -7.42 -6.58 0.28
CA PHE B 92 -8.11 -5.32 0.11
C PHE B 92 -9.46 -5.47 0.77
N PRO B 93 -10.12 -4.34 1.14
CA PRO B 93 -11.46 -4.51 1.80
C PRO B 93 -12.57 -5.11 0.90
N ASP B 94 -12.46 -4.92 -0.42
CA ASP B 94 -13.41 -5.50 -1.39
C ASP B 94 -13.31 -7.04 -1.51
N GLY B 95 -12.29 -7.62 -0.91
CA GLY B 95 -12.12 -9.08 -0.90
C GLY B 95 -11.08 -9.55 -1.89
N ARG B 96 -10.53 -8.62 -2.69
CA ARG B 96 -9.43 -8.95 -3.59
C ARG B 96 -8.19 -9.29 -2.78
N LYS B 97 -7.38 -10.20 -3.28
CA LYS B 97 -6.11 -10.51 -2.66
C LYS B 97 -5.04 -10.55 -3.70
N GLU B 98 -3.86 -10.05 -3.34
CA GLU B 98 -2.74 -10.11 -4.24
C GLU B 98 -1.56 -10.77 -3.54
N ILE B 99 -1.16 -11.92 -4.05
CA ILE B 99 -0.10 -12.73 -3.45
C ILE B 99 1.12 -12.63 -4.32
N THR B 100 2.23 -12.25 -3.71
CA THR B 100 3.50 -12.29 -4.39
C THR B 100 4.29 -13.43 -3.79
N PHE B 101 4.56 -14.43 -4.61
CA PHE B 101 5.23 -15.65 -4.14
C PHE B 101 6.71 -15.37 -4.12
N PRO B 102 7.49 -16.25 -3.47
CA PRO B 102 8.94 -16.11 -3.41
C PRO B 102 9.56 -15.78 -4.78
N ASP B 103 9.28 -16.62 -5.79
CA ASP B 103 9.78 -16.43 -7.13
C ASP B 103 9.20 -15.21 -7.89
N GLN B 104 8.53 -14.30 -7.18
CA GLN B 104 8.00 -13.02 -7.72
C GLN B 104 6.87 -13.17 -8.74
N THR B 105 6.34 -14.37 -8.88
CA THR B 105 5.04 -14.54 -9.47
C THR B 105 4.05 -13.69 -8.70
N VAL B 106 3.07 -13.13 -9.40
CA VAL B 106 2.01 -12.44 -8.75
C VAL B 106 0.72 -13.10 -9.09
N LYS B 107 -0.08 -13.40 -8.09
CA LYS B 107 -1.40 -13.91 -8.36
C LYS B 107 -2.40 -13.05 -7.67
N THR B 108 -3.41 -12.67 -8.41
CA THR B 108 -4.54 -11.98 -7.83
C THR B 108 -5.79 -12.85 -7.77
N LEU B 109 -6.40 -12.95 -6.60
CA LEU B 109 -7.68 -13.60 -6.44
C LEU B 109 -8.77 -12.55 -6.33
N HIS B 110 -9.78 -12.63 -7.19
CA HIS B 110 -10.87 -11.68 -7.13
C HIS B 110 -12.01 -12.30 -6.34
N PRO B 111 -12.96 -11.47 -5.91
CA PRO B 111 -14.12 -11.91 -5.13
C PRO B 111 -14.88 -13.05 -5.80
N ASP B 112 -15.21 -12.89 -7.08
CA ASP B 112 -16.04 -13.87 -7.82
C ASP B 112 -15.47 -15.28 -7.90
N GLY B 113 -14.15 -15.41 -7.78
CA GLY B 113 -13.50 -16.71 -7.87
C GLY B 113 -12.47 -16.80 -8.97
N ARG B 114 -12.36 -15.77 -9.81
CA ARG B 114 -11.29 -15.82 -10.79
C ARG B 114 -9.97 -15.58 -10.12
N GLU B 115 -8.94 -16.16 -10.69
CA GLU B 115 -7.59 -15.97 -10.24
C GLU B 115 -6.75 -15.67 -11.45
N GLU B 116 -5.76 -14.84 -11.24
CA GLU B 116 -5.01 -14.37 -12.36
C GLU B 116 -3.57 -14.19 -11.98
N SER B 117 -2.74 -15.10 -12.49
CA SER B 117 -1.32 -15.05 -12.26
C SER B 117 -0.51 -14.48 -13.42
N VAL B 118 0.54 -13.74 -13.08
CA VAL B 118 1.49 -13.27 -14.08
C VAL B 118 2.84 -13.83 -13.73
N LEU B 119 3.45 -14.46 -14.73
CA LEU B 119 4.69 -15.16 -14.50
C LEU B 119 5.86 -14.24 -14.76
N THR B 120 7.05 -14.73 -14.40
CA THR B 120 8.31 -14.01 -14.52
C THR B 120 8.56 -13.55 -15.96
N ASP B 121 8.05 -14.33 -16.91
CA ASP B 121 8.16 -14.02 -18.34
C ASP B 121 6.95 -13.23 -18.93
N GLY B 122 5.96 -12.86 -18.11
CA GLY B 122 4.83 -12.06 -18.58
C GLY B 122 3.66 -12.86 -19.15
N THR B 123 3.82 -14.18 -19.17
CA THR B 123 2.71 -15.09 -19.45
C THR B 123 1.61 -14.89 -18.39
N ILE B 124 0.37 -14.81 -18.82
CA ILE B 124 -0.76 -14.58 -17.93
C ILE B 124 -1.72 -15.80 -17.90
N ILE B 125 -2.03 -16.29 -16.71
CA ILE B 125 -2.87 -17.48 -16.53
C ILE B 125 -4.07 -17.12 -15.75
N GLN B 126 -5.24 -17.44 -16.27
CA GLN B 126 -6.49 -17.01 -15.65
C GLN B 126 -7.36 -18.21 -15.35
N LEU B 127 -7.69 -18.37 -14.09
CA LEU B 127 -8.36 -19.56 -13.64
C LEU B 127 -9.77 -19.06 -13.40
N ASN B 128 -10.68 -19.45 -14.27
CA ASN B 128 -12.04 -18.99 -14.20
C ASN B 128 -12.74 -19.77 -13.13
N PRO B 129 -13.88 -19.26 -12.65
CA PRO B 129 -14.51 -19.92 -11.52
C PRO B 129 -15.15 -21.27 -11.88
N ASP B 130 -15.35 -21.51 -13.17
CA ASP B 130 -15.80 -22.83 -13.67
C ASP B 130 -14.68 -23.88 -13.69
N GLY B 131 -13.43 -23.47 -13.44
CA GLY B 131 -12.28 -24.39 -13.42
C GLY B 131 -11.39 -24.33 -14.67
N SER B 132 -11.96 -23.81 -15.76
CA SER B 132 -11.23 -23.74 -17.01
C SER B 132 -10.10 -22.71 -16.84
N LYS B 133 -9.04 -22.91 -17.60
CA LYS B 133 -7.95 -21.96 -17.66
C LYS B 133 -7.85 -21.22 -19.01
N VAL B 134 -7.32 -20.00 -18.97
CA VAL B 134 -6.93 -19.25 -20.14
C VAL B 134 -5.48 -18.85 -19.94
N ILE B 135 -4.62 -19.26 -20.85
CA ILE B 135 -3.24 -18.84 -20.83
C ILE B 135 -3.05 -17.89 -21.98
N GLN B 136 -2.32 -16.80 -21.74
CA GLN B 136 -2.11 -15.76 -22.73
C GLN B 136 -0.60 -15.58 -22.78
N PHE B 137 -0.01 -15.81 -23.95
CA PHE B 137 1.43 -15.82 -24.05
C PHE B 137 1.98 -14.52 -24.60
N ASN B 138 3.30 -14.38 -24.45
CA ASN B 138 4.12 -13.26 -25.00
C ASN B 138 3.94 -13.16 -26.50
N THR B 139 3.98 -14.34 -27.13
CA THR B 139 3.75 -14.52 -28.55
C THR B 139 2.37 -14.02 -29.06
N GLY B 140 1.44 -13.64 -28.19
CA GLY B 140 0.10 -13.23 -28.63
C GLY B 140 -0.89 -14.38 -28.64
N GLN B 141 -0.40 -15.61 -28.52
CA GLN B 141 -1.30 -16.75 -28.54
C GLN B 141 -1.90 -17.06 -27.16
N ARG B 142 -3.08 -17.66 -27.22
CA ARG B 142 -3.90 -17.99 -26.09
C ARG B 142 -4.12 -19.49 -26.10
N GLU B 143 -4.16 -20.10 -24.94
CA GLU B 143 -4.71 -21.44 -24.85
C GLU B 143 -5.86 -21.43 -23.89
N ILE B 144 -6.89 -22.17 -24.23
CA ILE B 144 -8.06 -22.33 -23.36
C ILE B 144 -8.23 -23.82 -23.00
N HIS B 145 -8.20 -24.14 -21.71
CA HIS B 145 -8.22 -25.51 -21.23
C HIS B 145 -9.48 -25.76 -20.41
N THR B 146 -10.34 -26.65 -20.88
CA THR B 146 -11.43 -27.18 -20.07
C THR B 146 -11.12 -28.69 -19.91
N ALA B 147 -12.01 -29.43 -19.28
CA ALA B 147 -11.83 -30.88 -19.20
C ALA B 147 -12.29 -31.53 -20.51
N ASP B 148 -13.09 -30.81 -21.32
CA ASP B 148 -13.66 -31.35 -22.56
C ASP B 148 -12.70 -31.19 -23.77
N PHE B 149 -11.79 -30.20 -23.70
CA PHE B 149 -10.88 -29.91 -24.81
C PHE B 149 -9.80 -28.94 -24.39
N LYS B 150 -8.76 -28.87 -25.20
CA LYS B 150 -7.73 -27.86 -25.13
C LYS B 150 -7.72 -27.11 -26.46
N ARG B 151 -7.90 -25.79 -26.42
CA ARG B 151 -7.96 -24.92 -27.60
C ARG B 151 -6.77 -23.97 -27.68
N ARG B 152 -6.02 -23.96 -28.79
CA ARG B 152 -4.97 -22.92 -29.08
C ARG B 152 -5.45 -21.88 -30.08
N GLU B 153 -5.42 -20.60 -29.73
CA GLU B 153 -5.75 -19.50 -30.64
C GLU B 153 -4.46 -18.80 -31.07
N TYR B 154 -4.20 -18.77 -32.37
CA TYR B 154 -2.93 -18.23 -32.84
C TYR B 154 -3.14 -16.80 -33.26
N PRO B 155 -2.03 -16.04 -33.32
CA PRO B 155 -2.05 -14.63 -33.73
C PRO B 155 -2.66 -14.41 -35.13
N ASP B 156 -2.31 -15.29 -36.09
CA ASP B 156 -2.86 -15.23 -37.46
C ASP B 156 -4.37 -15.55 -37.57
N GLY B 157 -5.00 -15.94 -36.46
CA GLY B 157 -6.45 -16.23 -36.46
C GLY B 157 -6.77 -17.74 -36.49
N THR B 158 -5.73 -18.57 -36.72
CA THR B 158 -5.85 -20.04 -36.63
C THR B 158 -6.29 -20.49 -35.24
N VAL B 159 -7.23 -21.42 -35.20
CA VAL B 159 -7.67 -22.06 -33.96
C VAL B 159 -7.65 -23.57 -34.08
N LYS B 160 -6.78 -24.23 -33.32
CA LYS B 160 -6.78 -25.69 -33.18
C LYS B 160 -7.39 -26.12 -31.83
N THR B 161 -8.33 -27.06 -31.86
CA THR B 161 -8.97 -27.60 -30.64
C THR B 161 -8.86 -29.12 -30.62
N VAL B 162 -8.29 -29.68 -29.56
CA VAL B 162 -8.31 -31.11 -29.30
C VAL B 162 -9.34 -31.42 -28.21
N TYR B 163 -10.32 -32.23 -28.53
CA TYR B 163 -11.26 -32.66 -27.52
C TYR B 163 -10.71 -33.83 -26.68
N SER B 164 -11.34 -34.07 -25.54
CA SER B 164 -10.89 -35.07 -24.59
C SER B 164 -10.98 -36.47 -25.18
N ASP B 165 -11.92 -36.67 -26.11
CA ASP B 165 -12.04 -37.95 -26.80
C ASP B 165 -11.08 -38.09 -27.98
N GLY B 166 -10.20 -37.11 -28.18
CA GLY B 166 -9.18 -37.20 -29.22
C GLY B 166 -9.58 -36.58 -30.56
N ARG B 167 -10.84 -36.19 -30.70
CA ARG B 167 -11.27 -35.40 -31.87
C ARG B 167 -10.46 -34.13 -32.01
N GLN B 168 -10.14 -33.73 -33.24
CA GLN B 168 -9.39 -32.49 -33.53
C GLN B 168 -10.03 -31.60 -34.57
N GLU B 169 -10.18 -30.34 -34.24
CA GLU B 169 -10.65 -29.36 -35.19
C GLU B 169 -9.55 -28.29 -35.44
N THR B 170 -9.26 -28.04 -36.72
CA THR B 170 -8.49 -26.84 -37.09
C THR B 170 -9.43 -25.89 -37.77
N GLN B 171 -9.33 -24.62 -37.40
CA GLN B 171 -10.14 -23.59 -37.99
C GLN B 171 -9.19 -22.51 -38.56
N TYR B 172 -9.22 -22.34 -39.87
CA TYR B 172 -8.23 -21.51 -40.58
C TYR B 172 -8.70 -20.04 -40.56
N PRO B 173 -7.76 -19.09 -40.74
CA PRO B 173 -8.13 -17.67 -40.69
C PRO B 173 -9.20 -17.29 -41.70
N THR B 174 -9.17 -17.96 -42.84
CA THR B 174 -10.15 -17.77 -43.93
C THR B 174 -11.60 -18.18 -43.59
N GLY B 175 -11.80 -19.07 -42.62
CA GLY B 175 -13.16 -19.56 -42.31
C GLY B 175 -13.44 -20.96 -42.83
N ARG B 176 -12.40 -21.62 -43.31
CA ARG B 176 -12.39 -23.05 -43.48
C ARG B 176 -12.18 -23.82 -42.14
N VAL B 177 -12.96 -24.88 -41.96
CA VAL B 177 -12.89 -25.70 -40.75
C VAL B 177 -12.70 -27.15 -41.12
N ARG B 178 -11.60 -27.76 -40.68
CA ARG B 178 -11.38 -29.18 -40.83
C ARG B 178 -11.56 -29.92 -39.52
N LEU B 179 -12.37 -30.97 -39.56
CA LEU B 179 -12.67 -31.77 -38.40
C LEU B 179 -12.27 -33.22 -38.60
N LYS B 180 -11.63 -33.82 -37.59
CA LYS B 180 -11.21 -35.22 -37.56
C LYS B 180 -11.85 -36.01 -36.40
N ASP B 181 -12.18 -37.27 -36.66
CA ASP B 181 -12.72 -38.13 -35.60
C ASP B 181 -11.54 -38.59 -34.71
N PRO B 182 -11.81 -39.34 -33.61
CA PRO B 182 -10.69 -39.64 -32.72
C PRO B 182 -9.56 -40.32 -33.44
N GLN B 183 -9.92 -41.19 -34.37
CA GLN B 183 -8.94 -42.02 -35.08
C GLN B 183 -8.08 -41.24 -36.09
N GLY B 184 -8.34 -39.94 -36.20
CA GLY B 184 -7.51 -39.05 -37.00
C GLY B 184 -8.06 -38.83 -38.39
N LYS B 185 -9.22 -39.43 -38.68
CA LYS B 185 -9.82 -39.32 -40.02
C LYS B 185 -10.58 -38.04 -40.18
N VAL B 186 -10.30 -37.31 -41.27
CA VAL B 186 -11.08 -36.13 -41.63
C VAL B 186 -12.52 -36.57 -41.91
N ILE B 187 -13.45 -35.95 -41.23
CA ILE B 187 -14.85 -36.28 -41.37
C ILE B 187 -15.64 -35.08 -41.81
N MET B 188 -15.02 -33.93 -41.81
CA MET B 188 -15.71 -32.79 -42.29
C MET B 188 -14.72 -31.71 -42.69
N ASP B 189 -14.99 -31.06 -43.82
CA ASP B 189 -14.10 -29.98 -44.33
C ASP B 189 -14.97 -29.00 -45.04
N THR B 190 -15.20 -27.87 -44.38
CA THR B 190 -16.17 -26.89 -44.80
C THR B 190 -15.59 -25.51 -44.90
N LYS B 191 -16.15 -24.70 -45.79
CA LYS B 191 -15.67 -23.33 -45.94
C LYS B 191 -16.77 -22.32 -45.61
N ALA B 192 -16.50 -21.40 -44.66
CA ALA B 192 -17.46 -20.36 -44.21
C ALA B 192 -18.62 -20.96 -43.37
N ASP C 8 17.47 -3.93 -12.84
CA ASP C 8 16.92 -2.77 -13.61
C ASP C 8 17.98 -1.92 -14.33
N LEU C 9 19.00 -1.47 -13.59
CA LEU C 9 20.21 -0.82 -14.15
C LEU C 9 20.03 0.63 -14.52
N SER C 10 18.77 1.05 -14.64
CA SER C 10 18.46 2.43 -14.96
C SER C 10 18.12 3.24 -13.74
N PRO C 11 18.48 4.54 -13.80
CA PRO C 11 18.17 5.48 -12.74
C PRO C 11 16.66 5.57 -12.47
N ARG C 12 16.31 5.93 -11.25
CA ARG C 12 14.94 6.21 -10.90
C ARG C 12 14.55 7.61 -11.40
N PRO C 13 13.26 7.80 -11.70
CA PRO C 13 12.89 9.11 -12.17
C PRO C 13 13.08 10.09 -11.06
N SER C 14 13.46 11.31 -11.42
CA SER C 14 13.60 12.39 -10.48
C SER C 14 12.28 12.67 -9.74
N PRO C 15 12.34 12.90 -8.43
CA PRO C 15 11.15 13.06 -7.60
C PRO C 15 10.82 14.52 -7.33
N ASN C 16 9.58 14.79 -6.93
CA ASN C 16 9.08 16.15 -6.75
C ASN C 16 8.54 16.37 -5.37
N PRO C 17 9.02 17.39 -4.67
CA PRO C 17 8.46 17.69 -3.35
C PRO C 17 7.02 18.19 -3.48
N HIS C 18 6.22 18.03 -2.44
CA HIS C 18 4.90 18.64 -2.40
C HIS C 18 5.03 20.17 -2.18
N PRO C 19 4.25 20.97 -2.95
CA PRO C 19 4.20 22.43 -2.76
C PRO C 19 3.63 22.85 -1.40
N ASP D 8 -10.49 -6.78 22.78
CA ASP D 8 -10.62 -8.27 22.58
C ASP D 8 -9.55 -9.03 23.41
N LEU D 9 -8.30 -8.98 22.93
CA LEU D 9 -7.13 -9.58 23.57
C LEU D 9 -6.99 -11.08 23.36
N SER D 10 -7.85 -11.71 22.58
CA SER D 10 -7.52 -13.03 22.11
C SER D 10 -6.51 -12.85 20.97
N PRO D 11 -5.45 -13.70 20.95
CA PRO D 11 -4.57 -13.74 19.82
C PRO D 11 -5.31 -14.05 18.55
N ARG D 12 -4.79 -13.57 17.42
CA ARG D 12 -5.39 -13.89 16.16
C ARG D 12 -5.03 -15.34 15.80
N PRO D 13 -5.94 -16.05 15.09
CA PRO D 13 -5.51 -17.33 14.56
C PRO D 13 -4.34 -17.19 13.58
N SER D 14 -3.46 -18.16 13.62
CA SER D 14 -2.33 -18.21 12.77
C SER D 14 -2.78 -18.19 11.35
N PRO D 15 -2.12 -17.37 10.51
CA PRO D 15 -2.61 -17.20 9.16
C PRO D 15 -1.98 -18.24 8.30
N ASN D 16 -2.67 -18.60 7.23
CA ASN D 16 -2.23 -19.64 6.29
C ASN D 16 -1.85 -18.94 5.00
N PRO D 17 -0.62 -19.08 4.56
CA PRO D 17 -0.24 -18.47 3.27
C PRO D 17 -0.99 -19.15 2.15
N HIS D 18 -1.23 -18.44 1.06
CA HIS D 18 -1.86 -19.05 -0.08
C HIS D 18 -0.86 -20.08 -0.67
N PRO D 19 -1.33 -21.32 -0.87
CA PRO D 19 -0.43 -22.35 -1.37
C PRO D 19 0.15 -22.06 -2.74
N VAL D 20 1.30 -22.70 -2.94
CA VAL D 20 2.39 -22.22 -3.79
C VAL D 20 2.16 -22.36 -5.32
N SER D 21 1.05 -23.00 -5.71
CA SER D 21 0.71 -23.08 -7.14
C SER D 21 -0.76 -22.71 -7.30
#